data_6JHK
#
_entry.id   6JHK
#
_cell.length_a   179.201
_cell.length_b   179.201
_cell.length_c   179.201
_cell.angle_alpha   90.000
_cell.angle_beta   90.000
_cell.angle_gamma   90.000
#
_symmetry.space_group_name_H-M   'I 2 3'
#
_entity_poly.entity_id   1
_entity_poly.type   'polypeptide(L)'
_entity_poly.pdbx_seq_one_letter_code
;GSMRHPKIPILKLYNCLLVSIQWELDDQTALTFQEDLLNKIYETGANGVVIDLTSVDMID(SEP)FIAKVLGDVITMSKL
MGAKVVLTGIQPAVAVTLIELGIALEEIETALDLEQGLETLKRELGE
;
_entity_poly.pdbx_strand_id   A,B,C,D,E
#
# COMPACT_ATOMS: atom_id res chain seq x y z
N PRO A 6 11.91 30.83 -22.03
CA PRO A 6 13.13 30.27 -21.44
C PRO A 6 13.02 28.78 -21.14
N LYS A 7 13.24 27.93 -22.15
CA LYS A 7 13.21 26.49 -21.93
C LYS A 7 14.18 26.08 -20.85
N ILE A 8 13.76 25.13 -20.02
CA ILE A 8 14.59 24.61 -18.94
C ILE A 8 15.34 23.39 -19.45
N PRO A 9 16.66 23.32 -19.27
CA PRO A 9 17.43 22.25 -19.88
C PRO A 9 17.27 20.91 -19.18
N ILE A 10 17.48 19.85 -19.96
CA ILE A 10 17.48 18.49 -19.46
C ILE A 10 18.78 17.83 -19.89
N LEU A 11 19.50 17.25 -18.94
CA LEU A 11 20.77 16.60 -19.19
C LEU A 11 20.61 15.09 -19.23
N LYS A 12 21.21 14.46 -20.22
CA LYS A 12 21.21 13.00 -20.33
C LYS A 12 22.58 12.49 -19.94
N LEU A 13 22.63 11.70 -18.86
CA LEU A 13 23.87 11.12 -18.37
C LEU A 13 23.69 9.62 -18.31
N TYR A 14 24.28 8.92 -19.27
CA TYR A 14 24.10 7.48 -19.42
C TYR A 14 22.62 7.17 -19.57
N ASN A 15 22.05 6.38 -18.66
CA ASN A 15 20.65 6.03 -18.79
C ASN A 15 19.74 6.93 -17.97
N CYS A 16 20.24 8.05 -17.45
CA CYS A 16 19.47 8.91 -16.57
C CYS A 16 19.34 10.31 -17.16
N LEU A 17 18.20 10.94 -16.88
CA LEU A 17 17.95 12.34 -17.18
C LEU A 17 18.16 13.17 -15.93
N LEU A 18 18.95 14.25 -16.05
CA LEU A 18 19.23 15.12 -14.92
C LEU A 18 18.62 16.49 -15.19
N VAL A 19 17.81 16.97 -14.24
CA VAL A 19 17.15 18.26 -14.34
C VAL A 19 17.44 19.06 -13.09
N SER A 20 17.76 20.35 -13.27
CA SER A 20 17.97 21.27 -12.16
C SER A 20 17.25 22.57 -12.47
N ILE A 21 16.18 22.85 -11.72
CA ILE A 21 15.50 24.14 -11.83
C ILE A 21 16.20 25.12 -10.89
N GLN A 22 16.58 26.29 -11.40
CA GLN A 22 17.41 27.19 -10.63
C GLN A 22 16.86 28.61 -10.61
N TRP A 23 15.55 28.76 -10.79
CA TRP A 23 14.90 30.06 -10.74
C TRP A 23 13.43 29.85 -10.38
N GLU A 24 12.76 30.96 -10.07
CA GLU A 24 11.33 30.92 -9.81
C GLU A 24 10.60 30.28 -10.98
N LEU A 25 9.83 29.23 -10.69
CA LEU A 25 9.07 28.60 -11.74
C LEU A 25 7.87 29.47 -12.12
N ASP A 26 7.43 29.30 -13.37
CA ASP A 26 6.30 30.03 -13.90
C ASP A 26 5.31 29.02 -14.46
N ASP A 27 4.02 29.28 -14.24
CA ASP A 27 2.98 28.38 -14.73
C ASP A 27 3.21 28.01 -16.19
N GLN A 28 3.46 29.03 -17.03
CA GLN A 28 3.73 28.78 -18.44
C GLN A 28 5.02 27.99 -18.64
N THR A 29 6.02 28.20 -17.77
CA THR A 29 7.28 27.49 -17.92
C THR A 29 7.15 26.03 -17.50
N ALA A 30 6.46 25.78 -16.38
CA ALA A 30 6.31 24.41 -15.91
C ALA A 30 5.61 23.53 -16.93
N LEU A 31 4.58 24.08 -17.60
CA LEU A 31 3.88 23.31 -18.62
C LEU A 31 4.81 22.91 -19.75
N THR A 32 5.66 23.84 -20.20
CA THR A 32 6.65 23.51 -21.21
C THR A 32 7.62 22.44 -20.69
N PHE A 33 8.01 22.54 -19.41
CA PHE A 33 8.92 21.56 -18.83
C PHE A 33 8.29 20.18 -18.80
N GLN A 34 7.03 20.09 -18.35
CA GLN A 34 6.31 18.83 -18.38
C GLN A 34 6.25 18.27 -19.80
N GLU A 35 5.93 19.14 -20.75
CA GLU A 35 5.92 18.73 -22.15
C GLU A 35 7.30 18.28 -22.62
N ASP A 36 8.34 19.01 -22.23
CA ASP A 36 9.67 18.72 -22.75
C ASP A 36 10.26 17.46 -22.11
N LEU A 37 9.98 17.23 -20.83
CA LEU A 37 10.59 16.10 -20.14
C LEU A 37 10.10 14.79 -20.75
N LEU A 38 8.79 14.68 -20.97
CA LEU A 38 8.22 13.44 -21.51
C LEU A 38 8.77 13.14 -22.90
N ASN A 39 8.87 14.17 -23.74
CA ASN A 39 9.47 13.98 -25.06
C ASN A 39 10.90 13.46 -24.94
N LYS A 40 11.67 14.05 -24.01
CA LYS A 40 13.06 13.62 -23.84
C LYS A 40 13.14 12.17 -23.37
N ILE A 41 12.27 11.76 -22.45
CA ILE A 41 12.19 10.35 -22.07
C ILE A 41 11.93 9.49 -23.30
N TYR A 42 10.96 9.91 -24.12
CA TYR A 42 10.56 9.09 -25.26
C TYR A 42 11.65 9.06 -26.32
N GLU A 43 12.30 10.19 -26.56
CA GLU A 43 13.36 10.23 -27.56
C GLU A 43 14.59 9.45 -27.11
N THR A 44 14.91 9.51 -25.82
CA THR A 44 16.11 8.85 -25.30
C THR A 44 15.84 7.47 -24.73
N GLY A 45 14.63 7.22 -24.21
CA GLY A 45 14.36 5.97 -23.56
C GLY A 45 15.20 5.80 -22.30
N ALA A 46 15.22 6.83 -21.46
CA ALA A 46 16.00 6.79 -20.24
C ALA A 46 15.23 6.07 -19.13
N ASN A 47 15.99 5.39 -18.26
CA ASN A 47 15.38 4.59 -17.21
C ASN A 47 14.94 5.40 -16.01
N GLY A 48 15.60 6.52 -15.74
CA GLY A 48 15.30 7.29 -14.54
C GLY A 48 15.52 8.77 -14.74
N VAL A 49 14.74 9.56 -13.99
CA VAL A 49 14.85 11.01 -14.00
C VAL A 49 15.03 11.49 -12.57
N VAL A 50 15.90 12.47 -12.37
CA VAL A 50 16.07 13.14 -11.08
C VAL A 50 15.89 14.64 -11.30
N ILE A 51 14.90 15.21 -10.62
CA ILE A 51 14.54 16.62 -10.77
C ILE A 51 14.98 17.35 -9.51
N ASP A 52 15.80 18.38 -9.67
CA ASP A 52 16.34 19.13 -8.54
C ASP A 52 15.59 20.45 -8.42
N LEU A 53 14.98 20.67 -7.26
CA LEU A 53 14.35 21.94 -6.91
C LEU A 53 15.09 22.64 -5.78
N THR A 54 16.40 22.42 -5.68
CA THR A 54 17.18 23.04 -4.61
C THR A 54 17.09 24.55 -4.65
N SER A 55 16.94 25.14 -5.84
CA SER A 55 16.94 26.58 -6.01
C SER A 55 15.56 27.18 -6.19
N VAL A 56 14.50 26.40 -5.91
CA VAL A 56 13.13 26.88 -6.03
C VAL A 56 12.66 27.34 -4.65
N ASP A 57 12.40 28.63 -4.52
CA ASP A 57 12.00 29.19 -3.23
C ASP A 57 10.57 28.78 -2.88
N MET A 58 9.62 29.13 -3.75
CA MET A 58 8.22 28.78 -3.55
C MET A 58 7.62 28.37 -4.89
N ILE A 59 6.48 27.67 -4.82
CA ILE A 59 5.74 27.22 -6.00
C ILE A 59 4.26 27.44 -5.75
N ASP A 60 3.49 27.42 -6.84
CA ASP A 60 2.04 27.52 -6.72
C ASP A 60 1.37 26.15 -6.85
N PHE A 62 -0.69 25.27 -9.22
CA PHE A 62 -0.57 24.89 -10.63
C PHE A 62 0.70 24.09 -10.87
N ILE A 63 1.83 24.65 -10.43
CA ILE A 63 3.12 23.97 -10.56
C ILE A 63 3.09 22.66 -9.80
N ALA A 64 2.53 22.68 -8.58
CA ALA A 64 2.44 21.49 -7.77
C ALA A 64 1.72 20.36 -8.51
N LYS A 65 0.59 20.69 -9.15
CA LYS A 65 -0.10 19.69 -9.96
C LYS A 65 0.76 19.26 -11.15
N VAL A 66 1.42 20.22 -11.80
CA VAL A 66 2.32 19.90 -12.91
C VAL A 66 3.42 18.96 -12.45
N LEU A 67 4.07 19.29 -11.33
CA LEU A 67 5.14 18.46 -10.80
C LEU A 67 4.63 17.06 -10.45
N GLY A 68 3.45 16.97 -9.83
CA GLY A 68 2.91 15.67 -9.48
C GLY A 68 2.53 14.86 -10.71
N ASP A 69 1.98 15.52 -11.73
CA ASP A 69 1.58 14.80 -12.94
C ASP A 69 2.78 14.30 -13.70
N VAL A 70 3.86 15.10 -13.77
CA VAL A 70 5.01 14.68 -14.56
C VAL A 70 5.71 13.49 -13.92
N ILE A 71 5.67 13.39 -12.59
CA ILE A 71 6.17 12.19 -11.93
C ILE A 71 5.31 10.99 -12.30
N THR A 72 3.99 11.14 -12.19
CA THR A 72 3.08 10.06 -12.51
C THR A 72 3.18 9.66 -13.99
N MET A 73 3.25 10.65 -14.88
CA MET A 73 3.32 10.34 -16.30
C MET A 73 4.64 9.65 -16.65
N SER A 74 5.75 10.17 -16.12
CA SER A 74 7.06 9.59 -16.44
C SER A 74 7.11 8.12 -16.05
N LYS A 75 6.50 7.77 -14.91
CA LYS A 75 6.50 6.38 -14.50
C LYS A 75 5.71 5.51 -15.46
N LEU A 76 4.60 6.04 -16.00
CA LEU A 76 3.83 5.29 -16.98
C LEU A 76 4.64 5.02 -18.24
N MET A 77 5.42 6.01 -18.69
CA MET A 77 6.31 5.80 -19.82
C MET A 77 7.46 4.87 -19.50
N GLY A 78 7.68 4.54 -18.23
CA GLY A 78 8.68 3.56 -17.84
C GLY A 78 9.90 4.09 -17.12
N ALA A 79 9.86 5.33 -16.64
CA ALA A 79 11.01 5.95 -16.00
C ALA A 79 10.72 6.19 -14.52
N LYS A 80 11.58 5.67 -13.65
CA LYS A 80 11.49 5.98 -12.23
C LYS A 80 12.04 7.38 -11.97
N VAL A 81 11.36 8.12 -11.11
CA VAL A 81 11.62 9.54 -10.93
C VAL A 81 12.03 9.82 -9.50
N VAL A 82 12.86 10.84 -9.30
CA VAL A 82 13.32 11.27 -7.99
C VAL A 82 13.33 12.79 -7.92
N LEU A 83 12.84 13.33 -6.81
CA LEU A 83 12.88 14.76 -6.52
C LEU A 83 13.95 15.03 -5.47
N THR A 84 14.70 16.11 -5.63
CA THR A 84 15.77 16.46 -4.72
C THR A 84 15.72 17.93 -4.35
N GLY A 85 16.11 18.24 -3.12
CA GLY A 85 16.30 19.61 -2.71
C GLY A 85 15.04 20.39 -2.42
N ILE A 86 13.91 19.72 -2.17
CA ILE A 86 12.68 20.44 -1.85
C ILE A 86 12.89 21.26 -0.59
N GLN A 87 12.57 22.54 -0.68
CA GLN A 87 12.73 23.46 0.43
C GLN A 87 11.47 23.46 1.30
N PRO A 88 11.57 23.95 2.55
CA PRO A 88 10.39 23.94 3.42
C PRO A 88 9.17 24.62 2.82
N ALA A 89 9.34 25.78 2.17
CA ALA A 89 8.19 26.47 1.58
C ALA A 89 7.52 25.61 0.52
N VAL A 90 8.31 25.00 -0.36
CA VAL A 90 7.75 24.16 -1.41
C VAL A 90 7.08 22.93 -0.81
N ALA A 91 7.71 22.33 0.20
CA ALA A 91 7.15 21.15 0.84
C ALA A 91 5.74 21.42 1.38
N VAL A 92 5.53 22.60 1.96
CA VAL A 92 4.23 22.92 2.53
C VAL A 92 3.15 22.91 1.45
N THR A 93 3.41 23.59 0.32
CA THR A 93 2.40 23.68 -0.73
C THR A 93 2.11 22.31 -1.33
N LEU A 94 3.14 21.47 -1.50
CA LEU A 94 2.92 20.13 -2.02
C LEU A 94 2.01 19.33 -1.09
N ILE A 95 2.23 19.45 0.22
CA ILE A 95 1.40 18.76 1.20
C ILE A 95 -0.03 19.29 1.19
N GLU A 96 -0.20 20.61 0.99
CA GLU A 96 -1.49 21.25 1.22
C GLU A 96 -2.52 20.96 0.14
N LEU A 97 -2.12 20.43 -1.02
CA LEU A 97 -3.08 20.23 -2.10
C LEU A 97 -3.95 18.98 -1.89
N GLY A 98 -3.37 17.81 -1.62
CA GLY A 98 -1.96 17.56 -1.48
C GLY A 98 -1.39 16.67 -2.57
N ILE A 99 -0.35 17.18 -3.24
CA ILE A 99 0.35 16.41 -4.25
C ILE A 99 1.54 15.67 -3.66
N ALA A 100 1.65 15.61 -2.33
CA ALA A 100 2.64 14.74 -1.70
C ALA A 100 2.25 13.29 -1.94
N LEU A 101 2.25 12.87 -3.20
CA LEU A 101 1.98 11.47 -3.53
C LEU A 101 2.89 10.56 -2.75
N GLU A 102 2.33 9.44 -2.31
CA GLU A 102 3.08 8.49 -1.49
C GLU A 102 4.19 7.83 -2.29
N GLU A 103 3.95 7.57 -3.57
CA GLU A 103 4.95 6.92 -4.41
C GLU A 103 6.03 7.89 -4.85
N ILE A 104 6.12 9.06 -4.20
CA ILE A 104 7.22 9.98 -4.47
C ILE A 104 8.46 9.44 -3.78
N GLU A 105 9.43 8.98 -4.57
CA GLU A 105 10.76 8.72 -4.07
C GLU A 105 11.51 10.05 -4.09
N THR A 106 12.02 10.44 -2.92
CA THR A 106 12.57 11.77 -2.72
C THR A 106 13.93 11.67 -2.08
N ALA A 107 14.76 12.68 -2.36
CA ALA A 107 16.13 12.69 -1.88
C ALA A 107 16.48 14.09 -1.38
N LEU A 108 17.55 14.14 -0.61
CA LEU A 108 18.00 15.38 0.01
C LEU A 108 18.82 16.25 -0.94
N ASP A 109 19.51 15.65 -1.89
CA ASP A 109 20.47 16.35 -2.72
C ASP A 109 20.52 15.66 -4.07
N LEU A 110 21.04 16.36 -5.07
CA LEU A 110 21.12 15.80 -6.42
C LEU A 110 21.95 14.52 -6.45
N GLU A 111 23.14 14.54 -5.83
CA GLU A 111 23.98 13.35 -5.79
C GLU A 111 23.22 12.18 -5.16
N GLN A 112 22.60 12.41 -4.00
CA GLN A 112 21.88 11.34 -3.32
C GLN A 112 20.74 10.80 -4.17
N GLY A 113 20.02 11.69 -4.86
CA GLY A 113 18.94 11.25 -5.73
C GLY A 113 19.44 10.35 -6.85
N LEU A 114 20.57 10.72 -7.45
CA LEU A 114 21.15 9.88 -8.49
C LEU A 114 21.62 8.56 -7.89
N GLU A 115 22.16 8.58 -6.67
CA GLU A 115 22.52 7.36 -5.96
C GLU A 115 21.29 6.48 -5.75
N THR A 116 20.25 7.04 -5.14
CA THR A 116 19.00 6.32 -4.96
C THR A 116 18.48 5.78 -6.28
N LEU A 117 18.57 6.60 -7.33
CA LEU A 117 18.11 6.18 -8.66
C LEU A 117 18.87 4.95 -9.15
N LYS A 118 20.20 4.97 -9.01
CA LYS A 118 20.99 3.84 -9.49
C LYS A 118 20.70 2.57 -8.71
N ARG A 119 20.58 2.67 -7.38
CA ARG A 119 20.36 1.47 -6.58
C ARG A 119 18.98 0.87 -6.85
N GLU A 120 18.00 1.70 -7.20
CA GLU A 120 16.69 1.18 -7.60
C GLU A 120 16.78 0.37 -8.89
N LEU A 121 17.74 0.67 -9.75
CA LEU A 121 17.88 -0.01 -11.03
C LEU A 121 19.15 -0.85 -11.06
N LYS B 7 11.57 28.58 21.94
CA LYS B 7 12.04 27.63 20.94
C LYS B 7 12.17 26.23 21.51
N ILE B 8 12.18 25.24 20.63
CA ILE B 8 12.42 23.84 21.00
C ILE B 8 13.79 23.46 20.47
N PRO B 9 14.70 22.99 21.32
CA PRO B 9 16.04 22.64 20.84
C PRO B 9 16.04 21.37 20.00
N ILE B 10 16.97 21.34 19.04
CA ILE B 10 17.16 20.22 18.13
C ILE B 10 18.64 19.88 18.10
N LEU B 11 18.97 18.61 18.35
CA LEU B 11 20.34 18.15 18.37
C LEU B 11 20.66 17.39 17.07
N LYS B 12 21.89 17.51 16.62
CA LYS B 12 22.35 16.81 15.42
C LYS B 12 23.42 15.80 15.80
N LEU B 13 23.12 14.53 15.62
CA LEU B 13 24.08 13.44 15.82
C LEU B 13 24.36 12.80 14.47
N TYR B 14 25.52 13.11 13.90
CA TYR B 14 25.93 12.60 12.59
C TYR B 14 24.89 13.03 11.57
N ASN B 15 24.08 12.14 11.01
CA ASN B 15 23.10 12.52 10.00
C ASN B 15 21.67 12.43 10.53
N CYS B 16 21.48 12.56 11.83
CA CYS B 16 20.17 12.47 12.43
C CYS B 16 19.90 13.66 13.34
N LEU B 17 18.62 14.03 13.42
CA LEU B 17 18.14 15.10 14.28
C LEU B 17 17.33 14.50 15.43
N LEU B 18 17.70 14.85 16.65
CA LEU B 18 16.98 14.42 17.84
C LEU B 18 16.34 15.63 18.49
N VAL B 19 15.01 15.67 18.47
CA VAL B 19 14.25 16.67 19.19
C VAL B 19 13.42 15.97 20.27
N SER B 20 13.56 16.42 21.50
CA SER B 20 12.79 15.92 22.63
C SER B 20 11.92 17.05 23.16
N ILE B 21 10.61 16.81 23.24
CA ILE B 21 9.66 17.82 23.69
C ILE B 21 9.34 17.48 25.13
N GLN B 22 10.08 18.09 26.07
CA GLN B 22 9.87 17.95 27.51
C GLN B 22 9.00 19.06 28.07
N TRP B 23 8.46 19.92 27.21
CA TRP B 23 7.62 21.01 27.63
C TRP B 23 6.15 20.59 27.59
N GLU B 24 5.29 21.55 27.87
CA GLU B 24 3.90 21.52 27.47
C GLU B 24 3.81 22.38 26.22
N LEU B 25 3.45 21.77 25.09
CA LEU B 25 3.40 22.48 23.83
C LEU B 25 2.00 23.01 23.57
N ASP B 26 1.91 24.32 23.36
CA ASP B 26 0.71 24.94 22.84
C ASP B 26 0.77 25.03 21.32
N ASP B 27 -0.36 25.42 20.74
CA ASP B 27 -0.44 25.55 19.29
C ASP B 27 0.61 26.51 18.76
N GLN B 28 0.90 27.58 19.51
CA GLN B 28 1.93 28.53 19.09
C GLN B 28 3.29 27.85 18.98
N THR B 29 3.68 27.08 20.00
CA THR B 29 4.98 26.42 19.98
C THR B 29 5.07 25.37 18.88
N ALA B 30 3.96 24.71 18.55
CA ALA B 30 4.01 23.62 17.57
C ALA B 30 4.38 24.15 16.19
N LEU B 31 3.77 25.26 15.77
CA LEU B 31 4.11 25.82 14.46
C LEU B 31 5.54 26.35 14.44
N THR B 32 5.98 26.97 15.53
CA THR B 32 7.40 27.32 15.65
C THR B 32 8.27 26.09 15.45
N PHE B 33 7.88 24.98 16.08
CA PHE B 33 8.62 23.73 15.94
C PHE B 33 8.59 23.23 14.50
N GLN B 34 7.41 23.17 13.90
CA GLN B 34 7.29 22.73 12.51
C GLN B 34 8.18 23.58 11.60
N GLU B 35 8.09 24.90 11.75
CA GLU B 35 8.91 25.79 10.93
C GLU B 35 10.39 25.57 11.17
N ASP B 36 10.79 25.41 12.44
CA ASP B 36 12.20 25.27 12.76
C ASP B 36 12.75 23.89 12.36
N LEU B 37 11.93 22.85 12.48
CA LEU B 37 12.43 21.51 12.16
C LEU B 37 12.70 21.40 10.66
N LEU B 38 11.75 21.84 9.83
CA LEU B 38 11.96 21.80 8.38
C LEU B 38 13.17 22.65 7.98
N ASN B 39 13.38 23.79 8.64
CA ASN B 39 14.57 24.58 8.37
C ASN B 39 15.84 23.84 8.79
N LYS B 40 15.81 23.21 9.97
CA LYS B 40 16.98 22.50 10.47
C LYS B 40 17.40 21.37 9.52
N ILE B 41 16.44 20.63 8.99
CA ILE B 41 16.74 19.60 8.00
C ILE B 41 17.48 20.22 6.83
N TYR B 42 16.96 21.33 6.31
CA TYR B 42 17.54 21.93 5.11
C TYR B 42 18.94 22.47 5.41
N GLU B 43 19.14 23.06 6.58
CA GLU B 43 20.46 23.58 6.93
C GLU B 43 21.45 22.44 7.18
N THR B 44 21.03 21.44 7.95
CA THR B 44 21.94 20.35 8.31
C THR B 44 22.16 19.38 7.17
N GLY B 45 21.14 19.11 6.38
CA GLY B 45 21.22 18.00 5.46
C GLY B 45 21.01 16.67 6.14
N ALA B 46 20.14 16.63 7.15
CA ALA B 46 19.89 15.42 7.92
C ALA B 46 18.95 14.49 7.15
N ASN B 47 19.24 13.19 7.24
CA ASN B 47 18.43 12.16 6.59
C ASN B 47 17.36 11.59 7.50
N GLY B 48 17.43 11.84 8.80
CA GLY B 48 16.47 11.26 9.73
C GLY B 48 16.30 12.13 10.94
N VAL B 49 15.13 12.02 11.57
CA VAL B 49 14.80 12.80 12.76
C VAL B 49 13.95 11.96 13.69
N VAL B 50 14.24 12.04 14.98
CA VAL B 50 13.51 11.33 16.02
C VAL B 50 12.85 12.39 16.91
N ILE B 51 11.53 12.34 17.00
CA ILE B 51 10.76 13.27 17.80
C ILE B 51 10.25 12.51 19.02
N ASP B 52 10.76 12.85 20.19
CA ASP B 52 10.38 12.18 21.43
C ASP B 52 9.24 12.95 22.08
N LEU B 53 8.09 12.29 22.22
CA LEU B 53 6.92 12.87 22.89
C LEU B 53 6.64 12.20 24.23
N THR B 54 7.68 11.68 24.89
CA THR B 54 7.49 10.93 26.12
C THR B 54 6.92 11.82 27.22
N SER B 55 7.37 13.07 27.30
CA SER B 55 6.95 13.97 28.37
C SER B 55 5.71 14.77 28.03
N VAL B 56 5.08 14.54 26.89
CA VAL B 56 3.88 15.27 26.49
C VAL B 56 2.68 14.59 27.12
N ASP B 57 2.11 15.23 28.15
CA ASP B 57 0.98 14.64 28.86
C ASP B 57 -0.22 14.48 27.94
N MET B 58 -0.55 15.52 27.18
CA MET B 58 -1.66 15.44 26.24
C MET B 58 -1.42 16.42 25.11
N ILE B 59 -2.27 16.31 24.09
CA ILE B 59 -2.15 17.09 22.86
C ILE B 59 -3.55 17.38 22.36
N ASP B 60 -3.67 18.39 21.50
CA ASP B 60 -4.97 18.68 20.90
C ASP B 60 -4.97 18.42 19.40
N PHE B 62 -5.39 20.25 16.78
CA PHE B 62 -4.62 21.15 15.92
C PHE B 62 -3.16 20.75 15.92
N ILE B 63 -2.60 20.51 17.11
CA ILE B 63 -1.21 20.09 17.23
C ILE B 63 -1.02 18.70 16.65
N ALA B 64 -2.01 17.83 16.84
CA ALA B 64 -2.01 16.54 16.16
C ALA B 64 -1.76 16.74 14.67
N LYS B 65 -2.51 17.65 14.05
CA LYS B 65 -2.42 17.83 12.61
C LYS B 65 -1.05 18.33 12.19
N VAL B 66 -0.46 19.26 12.96
CA VAL B 66 0.87 19.74 12.60
C VAL B 66 1.88 18.62 12.72
N LEU B 67 1.70 17.74 13.71
CA LEU B 67 2.60 16.60 13.87
C LEU B 67 2.55 15.70 12.64
N GLY B 68 1.34 15.43 12.13
CA GLY B 68 1.21 14.65 10.92
C GLY B 68 1.83 15.36 9.71
N ASP B 69 1.64 16.67 9.62
CA ASP B 69 2.21 17.43 8.50
C ASP B 69 3.73 17.44 8.56
N VAL B 70 4.30 17.61 9.76
CA VAL B 70 5.76 17.60 9.91
C VAL B 70 6.35 16.30 9.37
N ILE B 71 5.77 15.17 9.75
CA ILE B 71 6.27 13.89 9.28
C ILE B 71 6.22 13.84 7.76
N THR B 72 5.07 14.20 7.18
CA THR B 72 4.91 14.08 5.74
C THR B 72 5.70 15.15 4.99
N MET B 73 5.83 16.35 5.58
CA MET B 73 6.64 17.37 4.93
C MET B 73 8.12 17.02 4.95
N SER B 74 8.60 16.45 6.06
CA SER B 74 10.01 16.09 6.14
C SER B 74 10.35 14.98 5.16
N LYS B 75 9.42 14.05 4.93
CA LYS B 75 9.63 13.04 3.90
C LYS B 75 9.89 13.69 2.55
N LEU B 76 9.07 14.67 2.18
CA LEU B 76 9.25 15.36 0.90
C LEU B 76 10.65 15.97 0.78
N MET B 77 11.19 16.48 1.89
CA MET B 77 12.55 17.02 1.88
C MET B 77 13.61 15.94 1.85
N GLY B 78 13.26 14.69 2.11
CA GLY B 78 14.20 13.59 2.05
C GLY B 78 14.66 13.05 3.39
N ALA B 79 13.91 13.29 4.46
CA ALA B 79 14.29 12.84 5.79
C ALA B 79 13.21 11.95 6.37
N LYS B 80 13.64 10.92 7.12
CA LYS B 80 12.73 9.97 7.72
C LYS B 80 12.43 10.39 9.16
N VAL B 81 11.15 10.31 9.54
CA VAL B 81 10.70 10.78 10.84
C VAL B 81 10.19 9.60 11.65
N VAL B 82 10.63 9.50 12.90
CA VAL B 82 10.16 8.48 13.84
C VAL B 82 9.67 9.18 15.10
N LEU B 83 8.46 8.84 15.53
CA LEU B 83 7.88 9.35 16.77
C LEU B 83 8.06 8.32 17.88
N THR B 84 8.39 8.80 19.08
CA THR B 84 8.69 7.92 20.19
C THR B 84 7.99 8.40 21.45
N GLY B 85 7.67 7.45 22.33
CA GLY B 85 7.14 7.77 23.63
C GLY B 85 5.74 8.34 23.63
N ILE B 86 4.96 8.11 22.58
CA ILE B 86 3.58 8.60 22.56
C ILE B 86 2.82 7.99 23.72
N GLN B 87 2.07 8.82 24.42
CA GLN B 87 1.29 8.38 25.57
C GLN B 87 -0.11 7.98 25.15
N PRO B 88 -0.80 7.18 25.97
CA PRO B 88 -2.20 6.81 25.62
C PRO B 88 -3.09 7.99 25.31
N ALA B 89 -3.04 9.04 26.13
CA ALA B 89 -3.87 10.22 25.87
C ALA B 89 -3.57 10.80 24.50
N VAL B 90 -2.29 10.98 24.18
CA VAL B 90 -1.92 11.50 22.86
C VAL B 90 -2.36 10.54 21.77
N ALA B 91 -2.27 9.24 22.03
CA ALA B 91 -2.65 8.25 21.02
C ALA B 91 -4.13 8.36 20.67
N VAL B 92 -4.98 8.67 21.65
CA VAL B 92 -6.40 8.86 21.37
C VAL B 92 -6.61 10.02 20.42
N THR B 93 -5.99 11.16 20.71
CA THR B 93 -6.17 12.34 19.87
C THR B 93 -5.66 12.10 18.46
N LEU B 94 -4.50 11.45 18.32
CA LEU B 94 -3.95 11.19 17.00
C LEU B 94 -4.87 10.31 16.17
N ILE B 95 -5.40 9.25 16.78
CA ILE B 95 -6.37 8.40 16.09
C ILE B 95 -7.62 9.17 15.74
N GLU B 96 -8.07 10.04 16.65
CA GLU B 96 -9.32 10.78 16.43
C GLU B 96 -9.26 11.61 15.16
N LEU B 97 -8.15 12.32 14.94
CA LEU B 97 -8.02 13.08 13.71
C LEU B 97 -7.86 12.19 12.49
N GLY B 98 -7.54 10.91 12.68
CA GLY B 98 -7.26 10.05 11.55
C GLY B 98 -5.88 10.22 10.97
N ILE B 99 -5.03 11.04 11.60
CA ILE B 99 -3.65 11.22 11.14
C ILE B 99 -2.91 9.91 11.19
N ALA B 100 -3.17 9.10 12.21
CA ALA B 100 -2.50 7.82 12.37
C ALA B 100 -2.59 7.01 11.08
N LEU B 101 -1.46 6.91 10.39
CA LEU B 101 -1.34 6.16 9.16
C LEU B 101 -0.24 5.14 9.30
N GLU B 102 -0.33 4.09 8.48
CA GLU B 102 0.75 3.11 8.38
C GLU B 102 2.08 3.75 8.01
N GLU B 103 2.05 4.98 7.50
CA GLU B 103 3.27 5.67 7.13
C GLU B 103 4.04 6.17 8.35
N ILE B 104 3.32 6.54 9.41
CA ILE B 104 3.97 6.95 10.64
C ILE B 104 4.78 5.79 11.18
N GLU B 105 6.10 5.96 11.22
CA GLU B 105 6.97 5.01 11.88
C GLU B 105 7.16 5.46 13.32
N THR B 106 7.15 4.50 14.25
CA THR B 106 7.02 4.83 15.66
C THR B 106 7.78 3.81 16.49
N ALA B 107 8.20 4.24 17.68
CA ALA B 107 8.94 3.39 18.59
C ALA B 107 8.62 3.81 20.03
N LEU B 108 9.10 3.02 20.98
CA LEU B 108 8.72 3.22 22.37
C LEU B 108 9.51 4.34 23.04
N ASP B 109 10.81 4.43 22.79
CA ASP B 109 11.63 5.47 23.39
C ASP B 109 12.61 6.01 22.35
N LEU B 110 13.45 6.95 22.79
CA LEU B 110 14.36 7.64 21.88
C LEU B 110 15.38 6.67 21.28
N GLU B 111 15.97 5.81 22.11
CA GLU B 111 17.00 4.90 21.63
C GLU B 111 16.44 3.93 20.60
N GLN B 112 15.31 3.29 20.94
CA GLN B 112 14.65 2.41 19.98
C GLN B 112 14.27 3.16 18.73
N GLY B 113 13.80 4.40 18.88
CA GLY B 113 13.49 5.21 17.70
C GLY B 113 14.72 5.50 16.87
N LEU B 114 15.84 5.81 17.53
CA LEU B 114 17.07 6.07 16.80
C LEU B 114 17.58 4.81 16.12
N GLU B 115 17.47 3.67 16.81
CA GLU B 115 17.86 2.38 16.23
C GLU B 115 17.08 2.09 14.96
N THR B 116 15.76 2.22 15.02
CA THR B 116 14.92 2.00 13.85
C THR B 116 15.36 2.90 12.70
N LEU B 117 15.80 4.11 13.02
CA LEU B 117 16.25 5.05 11.99
C LEU B 117 17.50 4.53 11.28
N LYS B 118 18.54 4.20 12.04
CA LYS B 118 19.79 3.74 11.43
C LYS B 118 19.57 2.46 10.61
N ARG B 119 18.71 1.57 11.10
CA ARG B 119 18.49 0.30 10.41
C ARG B 119 17.88 0.50 9.04
N GLU B 120 17.06 1.54 8.87
CA GLU B 120 16.37 1.79 7.61
C GLU B 120 17.10 2.80 6.73
N LEU B 121 18.35 3.12 7.03
CA LEU B 121 19.15 4.01 6.20
C LEU B 121 20.46 3.35 5.78
N LYS C 7 -13.19 -7.61 34.86
CA LYS C 7 -11.89 -7.07 34.45
C LYS C 7 -11.10 -8.12 33.70
N ILE C 8 -10.27 -7.67 32.77
CA ILE C 8 -9.45 -8.54 31.93
C ILE C 8 -8.00 -8.41 32.39
N PRO C 9 -7.31 -9.52 32.66
CA PRO C 9 -5.90 -9.45 33.06
C PRO C 9 -4.97 -9.54 31.85
N ILE C 10 -3.75 -9.04 32.05
CA ILE C 10 -2.75 -8.99 30.99
C ILE C 10 -1.44 -9.57 31.52
N LEU C 11 -0.85 -10.46 30.73
CA LEU C 11 0.38 -11.17 31.06
C LEU C 11 1.57 -10.54 30.36
N LYS C 12 2.60 -10.18 31.13
CA LYS C 12 3.86 -9.68 30.58
C LYS C 12 4.82 -10.85 30.48
N LEU C 13 5.04 -11.33 29.26
CA LEU C 13 5.97 -12.42 28.98
C LEU C 13 7.07 -11.89 28.07
N TYR C 14 8.21 -11.53 28.67
CA TYR C 14 9.39 -11.05 27.96
C TYR C 14 9.03 -9.74 27.29
N ASN C 15 9.28 -9.57 25.99
CA ASN C 15 8.99 -8.31 25.32
C ASN C 15 7.50 -8.11 25.13
N CYS C 16 6.72 -9.20 25.10
CA CYS C 16 5.36 -9.17 24.59
C CYS C 16 4.32 -9.28 25.71
N LEU C 17 3.15 -8.74 25.44
CA LEU C 17 2.00 -8.77 26.33
C LEU C 17 0.95 -9.73 25.77
N LEU C 18 0.49 -10.64 26.61
CA LEU C 18 -0.50 -11.65 26.19
C LEU C 18 -1.83 -11.36 26.87
N VAL C 19 -2.87 -11.22 26.07
CA VAL C 19 -4.23 -11.01 26.56
C VAL C 19 -5.11 -12.07 25.94
N SER C 20 -5.66 -12.94 26.79
CA SER C 20 -6.76 -13.80 26.42
C SER C 20 -7.99 -13.35 27.17
N ILE C 21 -9.08 -13.13 26.44
CA ILE C 21 -10.34 -12.72 27.04
C ILE C 21 -11.34 -13.84 26.81
N GLN C 22 -12.01 -14.26 27.89
CA GLN C 22 -13.01 -15.31 27.84
C GLN C 22 -14.30 -14.69 28.38
N TRP C 23 -15.15 -14.23 27.46
CA TRP C 23 -16.26 -13.34 27.77
C TRP C 23 -17.30 -13.52 26.66
N GLU C 24 -18.58 -13.16 26.90
CA GLU C 24 -19.22 -12.34 27.97
C GLU C 24 -18.76 -10.88 27.87
N LEU C 25 -18.30 -10.49 26.68
CA LEU C 25 -17.72 -9.17 26.47
C LEU C 25 -18.83 -8.14 26.24
N ASP C 26 -18.74 -7.01 26.93
CA ASP C 26 -19.72 -5.95 26.81
C ASP C 26 -19.00 -4.64 26.49
N ASP C 27 -19.82 -3.62 26.17
CA ASP C 27 -19.26 -2.31 25.84
C ASP C 27 -18.50 -1.73 27.03
N GLN C 28 -18.95 -2.03 28.25
CA GLN C 28 -18.35 -1.42 29.43
C GLN C 28 -16.96 -1.98 29.71
N THR C 29 -16.79 -3.31 29.62
CA THR C 29 -15.47 -3.88 29.88
C THR C 29 -14.48 -3.54 28.78
N ALA C 30 -14.92 -3.58 27.52
CA ALA C 30 -14.03 -3.28 26.40
C ALA C 30 -13.38 -1.92 26.56
N LEU C 31 -14.15 -0.92 26.97
CA LEU C 31 -13.60 0.42 27.16
C LEU C 31 -12.54 0.42 28.27
N THR C 32 -12.80 -0.31 29.36
CA THR C 32 -11.78 -0.46 30.39
C THR C 32 -10.57 -1.21 29.86
N PHE C 33 -10.80 -2.26 29.07
CA PHE C 33 -9.70 -3.04 28.52
C PHE C 33 -8.82 -2.19 27.61
N GLN C 34 -9.43 -1.34 26.77
CA GLN C 34 -8.65 -0.46 25.91
C GLN C 34 -7.77 0.46 26.74
N GLU C 35 -8.33 1.08 27.78
CA GLU C 35 -7.54 1.95 28.63
C GLU C 35 -6.45 1.18 29.38
N ASP C 36 -6.77 -0.04 29.82
CA ASP C 36 -5.80 -0.83 30.57
C ASP C 36 -4.66 -1.30 29.68
N LEU C 37 -5.00 -1.82 28.50
CA LEU C 37 -3.97 -2.36 27.62
C LEU C 37 -2.95 -1.29 27.23
N LEU C 38 -3.44 -0.11 26.84
CA LEU C 38 -2.55 0.99 26.49
C LEU C 38 -1.66 1.38 27.67
N ASN C 39 -2.22 1.33 28.89
CA ASN C 39 -1.43 1.69 30.07
C ASN C 39 -0.37 0.64 30.36
N LYS C 40 -0.71 -0.65 30.21
CA LYS C 40 0.27 -1.70 30.40
C LYS C 40 1.43 -1.56 29.42
N ILE C 41 1.12 -1.22 28.15
CA ILE C 41 2.17 -0.95 27.18
C ILE C 41 3.09 0.15 27.68
N TYR C 42 2.52 1.19 28.28
CA TYR C 42 3.33 2.35 28.64
C TYR C 42 4.19 2.07 29.86
N GLU C 43 3.64 1.40 30.88
CA GLU C 43 4.45 1.08 32.05
C GLU C 43 5.54 0.08 31.69
N THR C 44 5.17 -1.01 31.02
CA THR C 44 6.12 -2.08 30.75
C THR C 44 7.08 -1.73 29.62
N GLY C 45 6.64 -0.94 28.65
CA GLY C 45 7.46 -0.72 27.47
C GLY C 45 7.50 -1.92 26.57
N ALA C 46 6.38 -2.61 26.43
CA ALA C 46 6.32 -3.83 25.63
C ALA C 46 6.35 -3.51 24.14
N ASN C 47 7.02 -4.37 23.37
CA ASN C 47 7.10 -4.17 21.93
C ASN C 47 5.99 -4.88 21.17
N GLY C 48 5.29 -5.81 21.80
CA GLY C 48 4.28 -6.60 21.12
C GLY C 48 3.15 -6.99 22.03
N VAL C 49 1.96 -7.15 21.45
CA VAL C 49 0.77 -7.57 22.16
C VAL C 49 0.08 -8.67 21.37
N VAL C 50 -0.36 -9.70 22.07
CA VAL C 50 -1.19 -10.76 21.50
C VAL C 50 -2.54 -10.71 22.19
N ILE C 51 -3.59 -10.42 21.42
CA ILE C 51 -4.96 -10.40 21.92
C ILE C 51 -5.66 -11.64 21.41
N ASP C 52 -6.09 -12.51 22.33
CA ASP C 52 -6.71 -13.77 21.98
C ASP C 52 -8.22 -13.64 22.18
N LEU C 53 -8.99 -13.88 21.11
CA LEU C 53 -10.43 -13.81 21.17
C LEU C 53 -11.08 -15.17 20.89
N THR C 54 -10.37 -16.25 21.20
CA THR C 54 -10.86 -17.60 20.91
C THR C 54 -12.18 -17.89 21.61
N SER C 55 -12.36 -17.37 22.82
CA SER C 55 -13.53 -17.70 23.63
C SER C 55 -14.64 -16.66 23.50
N VAL C 56 -14.49 -15.68 22.64
CA VAL C 56 -15.52 -14.65 22.42
C VAL C 56 -16.52 -15.18 21.41
N ASP C 57 -17.76 -15.38 21.84
CA ASP C 57 -18.76 -15.96 20.95
C ASP C 57 -19.19 -14.97 19.88
N MET C 58 -19.37 -13.70 20.23
CA MET C 58 -19.81 -12.68 19.29
C MET C 58 -19.59 -11.31 19.92
N ILE C 59 -19.58 -10.28 19.07
CA ILE C 59 -19.37 -8.90 19.50
C ILE C 59 -20.36 -8.01 18.77
N ASP C 60 -20.53 -6.80 19.30
CA ASP C 60 -21.34 -5.80 18.62
C ASP C 60 -20.45 -4.83 17.84
N PHE C 62 -19.93 -1.68 18.42
CA PHE C 62 -19.14 -0.82 19.29
C PHE C 62 -17.83 -1.48 19.70
N ILE C 63 -17.90 -2.73 20.13
CA ILE C 63 -16.69 -3.46 20.51
C ILE C 63 -15.72 -3.55 19.32
N ALA C 64 -16.27 -3.76 18.13
CA ALA C 64 -15.43 -3.85 16.93
C ALA C 64 -14.57 -2.60 16.77
N LYS C 65 -15.17 -1.42 16.97
CA LYS C 65 -14.41 -0.19 16.85
C LYS C 65 -13.41 -0.06 17.99
N VAL C 66 -13.77 -0.51 19.20
CA VAL C 66 -12.82 -0.53 20.31
C VAL C 66 -11.62 -1.40 19.95
N LEU C 67 -11.87 -2.55 19.31
CA LEU C 67 -10.77 -3.41 18.90
C LEU C 67 -9.92 -2.75 17.82
N GLY C 68 -10.57 -2.10 16.86
CA GLY C 68 -9.81 -1.43 15.81
C GLY C 68 -8.93 -0.31 16.34
N ASP C 69 -9.46 0.49 17.27
CA ASP C 69 -8.70 1.63 17.78
C ASP C 69 -7.55 1.16 18.67
N VAL C 70 -7.78 0.13 19.49
CA VAL C 70 -6.71 -0.33 20.38
C VAL C 70 -5.55 -0.88 19.58
N ILE C 71 -5.82 -1.45 18.41
CA ILE C 71 -4.74 -1.88 17.53
C ILE C 71 -3.96 -0.68 17.00
N THR C 72 -4.67 0.29 16.43
CA THR C 72 -4.00 1.43 15.81
C THR C 72 -3.34 2.32 16.86
N MET C 73 -3.94 2.44 18.05
CA MET C 73 -3.31 3.20 19.12
C MET C 73 -2.05 2.51 19.63
N SER C 74 -2.11 1.18 19.79
CA SER C 74 -0.94 0.46 20.28
C SER C 74 0.19 0.53 19.28
N LYS C 75 -0.12 0.48 17.98
CA LYS C 75 0.91 0.75 16.99
C LYS C 75 1.53 2.12 17.22
N LEU C 76 0.68 3.15 17.39
CA LEU C 76 1.19 4.50 17.65
C LEU C 76 2.14 4.53 18.85
N MET C 77 1.77 3.85 19.94
CA MET C 77 2.64 3.83 21.11
C MET C 77 3.95 3.09 20.85
N GLY C 78 4.03 2.31 19.78
CA GLY C 78 5.23 1.62 19.41
C GLY C 78 5.20 0.10 19.53
N ALA C 79 4.04 -0.48 19.82
CA ALA C 79 3.90 -1.92 19.97
C ALA C 79 3.15 -2.51 18.80
N LYS C 80 3.49 -3.75 18.46
CA LYS C 80 2.80 -4.49 17.41
C LYS C 80 1.76 -5.41 18.04
N VAL C 81 0.56 -5.40 17.47
CA VAL C 81 -0.58 -6.15 18.02
C VAL C 81 -0.95 -7.26 17.06
N VAL C 82 -1.32 -8.41 17.61
CA VAL C 82 -1.80 -9.54 16.85
C VAL C 82 -3.11 -10.03 17.48
N LEU C 83 -4.10 -10.30 16.64
CA LEU C 83 -5.34 -10.91 17.07
C LEU C 83 -5.34 -12.37 16.68
N THR C 84 -5.79 -13.22 17.60
CA THR C 84 -5.79 -14.66 17.38
C THR C 84 -7.13 -15.27 17.77
N GLY C 85 -7.51 -16.32 17.06
CA GLY C 85 -8.69 -17.08 17.38
C GLY C 85 -10.01 -16.40 17.11
N ILE C 86 -10.05 -15.37 16.26
CA ILE C 86 -11.30 -14.73 15.91
C ILE C 86 -12.26 -15.77 15.33
N GLN C 87 -13.47 -15.84 15.90
CA GLN C 87 -14.47 -16.79 15.43
C GLN C 87 -15.26 -16.20 14.28
N PRO C 88 -15.91 -17.04 13.46
CA PRO C 88 -16.62 -16.52 12.28
C PRO C 88 -17.68 -15.49 12.63
N ALA C 89 -18.47 -15.72 13.68
CA ALA C 89 -19.46 -14.73 14.09
C ALA C 89 -18.80 -13.39 14.41
N VAL C 90 -17.63 -13.43 15.06
CA VAL C 90 -16.90 -12.20 15.33
C VAL C 90 -16.38 -11.59 14.04
N ALA C 91 -15.90 -12.43 13.13
CA ALA C 91 -15.34 -11.94 11.86
C ALA C 91 -16.37 -11.14 11.09
N VAL C 92 -17.64 -11.56 11.10
CA VAL C 92 -18.69 -10.87 10.35
C VAL C 92 -18.88 -9.44 10.86
N THR C 93 -18.92 -9.27 12.18
CA THR C 93 -19.10 -7.93 12.75
C THR C 93 -17.87 -7.06 12.50
N LEU C 94 -16.67 -7.65 12.54
CA LEU C 94 -15.47 -6.87 12.26
C LEU C 94 -15.44 -6.38 10.82
N ILE C 95 -15.85 -7.22 9.87
CA ILE C 95 -15.83 -6.81 8.46
C ILE C 95 -17.00 -5.89 8.16
N GLU C 96 -18.14 -6.08 8.84
CA GLU C 96 -19.29 -5.22 8.64
C GLU C 96 -18.93 -3.75 8.83
N LEU C 97 -18.23 -3.41 9.91
CA LEU C 97 -17.79 -2.04 10.08
C LEU C 97 -16.81 -1.63 8.99
N GLY C 98 -16.15 -2.60 8.35
CA GLY C 98 -15.09 -2.28 7.42
C GLY C 98 -13.78 -1.92 8.08
N ILE C 99 -13.68 -2.13 9.39
CA ILE C 99 -12.47 -1.87 10.15
C ILE C 99 -11.62 -3.14 10.17
N ALA C 100 -12.03 -4.13 9.38
CA ALA C 100 -11.15 -5.28 9.12
C ALA C 100 -9.91 -4.80 8.36
N LEU C 101 -9.04 -4.07 9.04
CA LEU C 101 -7.89 -3.46 8.37
C LEU C 101 -6.95 -4.49 7.79
N GLU C 102 -6.44 -4.18 6.60
CA GLU C 102 -5.36 -4.95 5.98
C GLU C 102 -4.10 -4.91 6.84
N GLU C 103 -3.95 -3.87 7.66
CA GLU C 103 -2.83 -3.77 8.59
C GLU C 103 -2.91 -4.82 9.69
N ILE C 104 -4.11 -5.26 10.06
CA ILE C 104 -4.26 -6.22 11.15
C ILE C 104 -3.51 -7.50 10.82
N GLU C 105 -2.65 -7.92 11.73
CA GLU C 105 -1.94 -9.18 11.62
C GLU C 105 -2.58 -10.19 12.56
N THR C 106 -2.98 -11.33 12.02
CA THR C 106 -3.75 -12.30 12.78
C THR C 106 -3.15 -13.70 12.62
N ALA C 107 -3.47 -14.55 13.57
CA ALA C 107 -3.05 -15.96 13.55
C ALA C 107 -4.21 -16.83 13.98
N LEU C 108 -4.01 -18.14 13.89
CA LEU C 108 -5.09 -19.08 14.20
C LEU C 108 -5.31 -19.19 15.71
N ASP C 109 -4.22 -19.22 16.50
CA ASP C 109 -4.34 -19.41 17.94
C ASP C 109 -3.31 -18.53 18.64
N LEU C 110 -3.27 -18.66 19.97
CA LEU C 110 -2.38 -17.84 20.79
C LEU C 110 -0.91 -18.04 20.41
N GLU C 111 -0.46 -19.30 20.39
CA GLU C 111 0.95 -19.57 20.18
C GLU C 111 1.42 -19.10 18.81
N GLN C 112 0.61 -19.33 17.77
CA GLN C 112 0.99 -18.89 16.42
C GLN C 112 1.04 -17.37 16.33
N GLY C 113 0.18 -16.68 17.08
CA GLY C 113 0.24 -15.23 17.11
C GLY C 113 1.52 -14.74 17.74
N LEU C 114 1.94 -15.37 18.83
CA LEU C 114 3.19 -15.00 19.48
C LEU C 114 4.39 -15.33 18.60
N GLU C 115 4.35 -16.48 17.93
CA GLU C 115 5.38 -16.81 16.95
C GLU C 115 5.48 -15.74 15.88
N THR C 116 4.34 -15.32 15.33
CA THR C 116 4.31 -14.22 14.38
C THR C 116 4.96 -12.98 14.99
N LEU C 117 4.70 -12.74 16.28
CA LEU C 117 5.26 -11.57 16.94
C LEU C 117 6.78 -11.68 17.07
N LYS C 118 7.28 -12.83 17.55
CA LYS C 118 8.72 -13.01 17.67
C LYS C 118 9.41 -12.88 16.32
N ARG C 119 8.81 -13.42 15.27
CA ARG C 119 9.42 -13.40 13.94
C ARG C 119 9.60 -11.97 13.42
N GLU C 120 8.69 -11.07 13.78
CA GLU C 120 8.69 -9.71 13.27
C GLU C 120 9.49 -8.73 14.13
N LEU C 121 10.11 -9.21 15.21
CA LEU C 121 10.88 -8.32 16.09
C LEU C 121 12.33 -8.79 16.21
N LYS D 7 -24.64 -28.51 -0.91
CA LYS D 7 -23.48 -27.88 -0.30
C LYS D 7 -22.24 -28.15 -1.13
N ILE D 8 -21.20 -27.35 -0.93
CA ILE D 8 -19.94 -27.49 -1.65
C ILE D 8 -18.94 -28.17 -0.72
N PRO D 9 -18.27 -29.24 -1.16
CA PRO D 9 -17.35 -29.94 -0.27
C PRO D 9 -16.00 -29.24 -0.16
N ILE D 10 -15.45 -29.26 1.04
CA ILE D 10 -14.13 -28.72 1.34
C ILE D 10 -13.27 -29.85 1.90
N LEU D 11 -12.14 -30.12 1.27
CA LEU D 11 -11.25 -31.18 1.71
C LEU D 11 -9.92 -30.59 2.18
N LYS D 12 -9.45 -31.06 3.33
CA LYS D 12 -8.24 -30.57 3.96
C LYS D 12 -7.06 -31.43 3.53
N LEU D 13 -6.08 -30.81 2.86
CA LEU D 13 -4.83 -31.47 2.50
C LEU D 13 -3.72 -30.83 3.33
N TYR D 14 -3.25 -31.55 4.35
CA TYR D 14 -2.27 -31.07 5.31
C TYR D 14 -2.83 -29.81 5.96
N ASN D 15 -2.17 -28.67 5.89
CA ASN D 15 -2.64 -27.45 6.54
C ASN D 15 -3.42 -26.54 5.61
N CYS D 16 -3.79 -27.03 4.41
CA CYS D 16 -4.51 -26.22 3.44
C CYS D 16 -5.88 -26.81 3.16
N LEU D 17 -6.84 -25.92 2.91
CA LEU D 17 -8.17 -26.28 2.46
C LEU D 17 -8.30 -26.02 0.97
N LEU D 18 -8.73 -27.03 0.23
CA LEU D 18 -8.95 -26.95 -1.21
C LEU D 18 -10.44 -27.04 -1.51
N VAL D 19 -10.96 -26.05 -2.23
CA VAL D 19 -12.35 -26.00 -2.65
C VAL D 19 -12.40 -25.87 -4.16
N SER D 20 -13.18 -26.72 -4.81
CA SER D 20 -13.44 -26.63 -6.24
C SER D 20 -14.93 -26.47 -6.44
N ILE D 21 -15.36 -25.27 -6.82
CA ILE D 21 -16.74 -25.05 -7.24
C ILE D 21 -16.85 -25.49 -8.68
N GLN D 22 -17.56 -26.60 -8.92
CA GLN D 22 -17.56 -27.28 -10.20
C GLN D 22 -18.86 -27.10 -10.96
N TRP D 23 -19.70 -26.17 -10.54
CA TRP D 23 -20.98 -25.91 -11.19
C TRP D 23 -21.39 -24.48 -10.87
N GLU D 24 -22.22 -23.91 -11.74
CA GLU D 24 -22.82 -22.62 -11.45
C GLU D 24 -23.60 -22.68 -10.14
N LEU D 25 -23.28 -21.79 -9.22
CA LEU D 25 -23.80 -21.82 -7.86
C LEU D 25 -24.75 -20.65 -7.68
N ASP D 26 -25.94 -20.92 -7.14
CA ASP D 26 -26.89 -19.85 -6.92
C ASP D 26 -26.48 -19.04 -5.68
N ASP D 27 -27.28 -18.02 -5.37
CA ASP D 27 -26.96 -17.14 -4.25
C ASP D 27 -26.96 -17.89 -2.92
N GLN D 28 -27.92 -18.80 -2.73
CA GLN D 28 -28.05 -19.48 -1.44
C GLN D 28 -26.90 -20.47 -1.23
N THR D 29 -26.42 -21.10 -2.30
CA THR D 29 -25.26 -21.98 -2.18
C THR D 29 -24.05 -21.20 -1.67
N ALA D 30 -23.82 -20.01 -2.22
CA ALA D 30 -22.65 -19.23 -1.84
C ALA D 30 -22.67 -18.88 -0.35
N LEU D 31 -23.81 -18.40 0.15
CA LEU D 31 -23.90 -18.05 1.56
C LEU D 31 -23.68 -19.26 2.44
N THR D 32 -24.19 -20.42 2.03
CA THR D 32 -23.89 -21.66 2.77
C THR D 32 -22.42 -21.99 2.65
N PHE D 33 -21.82 -21.75 1.48
CA PHE D 33 -20.39 -21.99 1.32
C PHE D 33 -19.58 -21.06 2.20
N GLN D 34 -19.99 -19.79 2.30
CA GLN D 34 -19.31 -18.85 3.18
C GLN D 34 -19.32 -19.32 4.62
N GLU D 35 -20.49 -19.74 5.11
CA GLU D 35 -20.58 -20.24 6.47
C GLU D 35 -19.76 -21.51 6.64
N ASP D 36 -19.88 -22.45 5.70
CA ASP D 36 -19.14 -23.71 5.80
C ASP D 36 -17.64 -23.47 5.86
N LEU D 37 -17.11 -22.65 4.96
CA LEU D 37 -15.65 -22.51 4.86
C LEU D 37 -15.08 -21.91 6.14
N LEU D 38 -15.73 -20.88 6.68
CA LEU D 38 -15.22 -20.25 7.91
C LEU D 38 -15.15 -21.26 9.05
N ASN D 39 -16.19 -22.09 9.21
CA ASN D 39 -16.16 -23.11 10.25
C ASN D 39 -15.10 -24.17 9.98
N LYS D 40 -14.98 -24.61 8.72
CA LYS D 40 -13.92 -25.56 8.38
C LYS D 40 -12.55 -25.04 8.81
N ILE D 41 -12.26 -23.78 8.49
CA ILE D 41 -11.02 -23.15 8.97
C ILE D 41 -10.92 -23.26 10.47
N TYR D 42 -12.01 -22.95 11.18
CA TYR D 42 -11.96 -22.87 12.64
C TYR D 42 -11.74 -24.25 13.25
N GLU D 43 -12.51 -25.25 12.82
CA GLU D 43 -12.30 -26.61 13.31
C GLU D 43 -10.94 -27.15 12.88
N THR D 44 -10.52 -26.82 11.66
CA THR D 44 -9.29 -27.39 11.11
C THR D 44 -8.04 -26.71 11.67
N GLY D 45 -8.09 -25.39 11.85
CA GLY D 45 -6.88 -24.66 12.16
C GLY D 45 -5.99 -24.45 10.95
N ALA D 46 -6.58 -24.42 9.76
CA ALA D 46 -5.83 -24.30 8.52
C ALA D 46 -5.21 -22.93 8.37
N ASN D 47 -4.02 -22.89 7.78
CA ASN D 47 -3.31 -21.65 7.50
C ASN D 47 -3.66 -21.07 6.13
N GLY D 48 -4.12 -21.89 5.20
CA GLY D 48 -4.38 -21.42 3.85
C GLY D 48 -5.60 -22.09 3.25
N VAL D 49 -6.23 -21.39 2.28
CA VAL D 49 -7.39 -21.88 1.55
C VAL D 49 -7.18 -21.61 0.07
N VAL D 50 -7.56 -22.58 -0.77
CA VAL D 50 -7.54 -22.44 -2.22
C VAL D 50 -8.97 -22.66 -2.72
N ILE D 51 -9.50 -21.65 -3.41
CA ILE D 51 -10.85 -21.71 -3.97
C ILE D 51 -10.72 -21.69 -5.50
N ASP D 52 -11.23 -22.74 -6.14
CA ASP D 52 -11.08 -22.94 -7.58
C ASP D 52 -12.41 -22.60 -8.25
N LEU D 53 -12.37 -21.65 -9.18
CA LEU D 53 -13.57 -21.20 -9.90
C LEU D 53 -13.45 -21.47 -11.40
N THR D 54 -12.76 -22.55 -11.77
CA THR D 54 -12.54 -22.82 -13.19
C THR D 54 -13.83 -23.14 -13.92
N SER D 55 -14.73 -23.88 -13.27
CA SER D 55 -16.00 -24.28 -13.87
C SER D 55 -17.12 -23.27 -13.65
N VAL D 56 -16.89 -22.22 -12.87
CA VAL D 56 -17.88 -21.18 -12.63
C VAL D 56 -17.95 -20.33 -13.90
N ASP D 57 -18.98 -20.55 -14.71
CA ASP D 57 -19.10 -19.83 -15.98
C ASP D 57 -19.40 -18.36 -15.76
N MET D 58 -20.35 -18.05 -14.88
CA MET D 58 -20.74 -16.67 -14.60
C MET D 58 -20.99 -16.52 -13.11
N ILE D 59 -21.05 -15.26 -12.67
CA ILE D 59 -21.20 -14.92 -11.27
C ILE D 59 -22.12 -13.71 -11.21
N ASP D 60 -22.70 -13.48 -10.03
CA ASP D 60 -23.55 -12.30 -9.88
C ASP D 60 -23.05 -11.39 -8.76
N PHE D 62 -24.21 -10.63 -5.83
CA PHE D 62 -24.29 -11.16 -4.49
C PHE D 62 -23.16 -12.12 -4.19
N ILE D 63 -22.96 -13.11 -5.06
CA ILE D 63 -21.88 -14.07 -4.87
C ILE D 63 -20.55 -13.35 -4.81
N ALA D 64 -20.37 -12.39 -5.72
CA ALA D 64 -19.18 -11.55 -5.72
C ALA D 64 -18.93 -11.04 -4.30
N LYS D 65 -19.87 -10.24 -3.78
CA LYS D 65 -19.73 -9.69 -2.44
C LYS D 65 -19.44 -10.79 -1.41
N VAL D 66 -20.04 -11.96 -1.58
CA VAL D 66 -19.73 -13.10 -0.71
C VAL D 66 -18.25 -13.47 -0.85
N LEU D 67 -17.82 -13.77 -2.08
CA LEU D 67 -16.43 -14.13 -2.33
C LEU D 67 -15.47 -13.13 -1.71
N GLY D 68 -15.69 -11.84 -1.96
CA GLY D 68 -14.82 -10.82 -1.38
C GLY D 68 -14.86 -10.81 0.14
N ASP D 69 -16.03 -11.06 0.72
CA ASP D 69 -16.14 -11.11 2.18
C ASP D 69 -15.44 -12.35 2.74
N VAL D 70 -15.64 -13.50 2.10
CA VAL D 70 -15.01 -14.73 2.57
C VAL D 70 -13.49 -14.57 2.68
N ILE D 71 -12.89 -13.93 1.69
CA ILE D 71 -11.43 -13.75 1.69
C ILE D 71 -11.00 -12.90 2.88
N THR D 72 -11.63 -11.73 3.04
CA THR D 72 -11.26 -10.84 4.14
C THR D 72 -11.57 -11.49 5.48
N MET D 73 -12.68 -12.21 5.56
CA MET D 73 -13.05 -12.87 6.82
C MET D 73 -12.06 -13.98 7.18
N SER D 74 -11.62 -14.75 6.17
CA SER D 74 -10.69 -15.84 6.45
C SER D 74 -9.34 -15.30 6.90
N LYS D 75 -8.91 -14.17 6.34
CA LYS D 75 -7.67 -13.55 6.80
C LYS D 75 -7.79 -13.12 8.26
N LEU D 76 -8.98 -12.68 8.68
CA LEU D 76 -9.18 -12.33 10.08
C LEU D 76 -9.06 -13.54 10.99
N MET D 77 -9.57 -14.69 10.53
CA MET D 77 -9.44 -15.93 11.29
C MET D 77 -8.01 -16.44 11.36
N GLY D 78 -7.15 -16.02 10.44
CA GLY D 78 -5.77 -16.49 10.40
C GLY D 78 -5.40 -17.23 9.13
N ALA D 79 -6.33 -17.46 8.22
CA ALA D 79 -6.05 -18.20 7.00
C ALA D 79 -5.64 -17.27 5.87
N LYS D 80 -4.99 -17.84 4.88
CA LYS D 80 -4.65 -17.13 3.65
C LYS D 80 -5.48 -17.73 2.53
N VAL D 81 -6.07 -16.88 1.69
CA VAL D 81 -6.97 -17.33 0.64
C VAL D 81 -6.35 -17.03 -0.71
N VAL D 82 -6.60 -17.95 -1.66
CA VAL D 82 -6.14 -17.81 -3.03
C VAL D 82 -7.26 -18.25 -3.97
N LEU D 83 -7.50 -17.46 -5.02
CA LEU D 83 -8.50 -17.78 -6.02
C LEU D 83 -7.79 -18.30 -7.25
N THR D 84 -8.35 -19.34 -7.88
CA THR D 84 -7.70 -19.94 -9.02
C THR D 84 -8.68 -20.10 -10.19
N GLY D 85 -8.19 -19.87 -11.40
CA GLY D 85 -8.92 -20.20 -12.60
C GLY D 85 -10.16 -19.38 -12.86
N ILE D 86 -10.21 -18.13 -12.39
CA ILE D 86 -11.35 -17.27 -12.65
C ILE D 86 -11.54 -17.11 -14.15
N GLN D 87 -12.74 -17.45 -14.64
CA GLN D 87 -13.03 -17.28 -16.05
C GLN D 87 -13.17 -15.79 -16.38
N PRO D 88 -12.92 -15.40 -17.64
CA PRO D 88 -13.02 -13.97 -17.98
C PRO D 88 -14.34 -13.33 -17.61
N ALA D 89 -15.45 -14.05 -17.76
CA ALA D 89 -16.76 -13.50 -17.41
C ALA D 89 -16.83 -13.16 -15.92
N VAL D 90 -16.34 -14.07 -15.08
CA VAL D 90 -16.34 -13.82 -13.64
C VAL D 90 -15.43 -12.64 -13.31
N ALA D 91 -14.29 -12.54 -13.99
CA ALA D 91 -13.37 -11.44 -13.76
C ALA D 91 -14.03 -10.09 -14.02
N VAL D 92 -14.88 -10.02 -15.06
CA VAL D 92 -15.53 -8.75 -15.39
C VAL D 92 -16.48 -8.33 -14.28
N THR D 93 -17.27 -9.27 -13.76
CA THR D 93 -18.22 -8.93 -12.71
C THR D 93 -17.49 -8.47 -11.46
N LEU D 94 -16.46 -9.22 -11.05
CA LEU D 94 -15.69 -8.84 -9.88
C LEU D 94 -15.12 -7.43 -10.02
N ILE D 95 -14.73 -7.05 -11.24
CA ILE D 95 -14.07 -5.77 -11.42
C ILE D 95 -15.09 -4.64 -11.43
N GLU D 96 -16.29 -4.91 -11.96
CA GLU D 96 -17.32 -3.88 -12.05
C GLU D 96 -17.88 -3.55 -10.68
N LEU D 97 -18.11 -4.56 -9.84
CA LEU D 97 -18.59 -4.34 -8.49
C LEU D 97 -17.52 -3.80 -7.57
N GLY D 98 -16.25 -3.83 -7.99
CA GLY D 98 -15.19 -3.22 -7.24
C GLY D 98 -14.77 -4.03 -6.03
N ILE D 99 -15.50 -5.12 -5.78
CA ILE D 99 -15.15 -6.01 -4.67
C ILE D 99 -13.74 -6.56 -4.84
N ALA D 100 -13.31 -6.77 -6.10
CA ALA D 100 -12.08 -7.51 -6.37
C ALA D 100 -10.92 -6.53 -6.32
N LEU D 101 -10.57 -6.15 -5.10
CA LEU D 101 -9.52 -5.16 -4.93
C LEU D 101 -8.15 -5.83 -5.14
N GLU D 102 -7.11 -5.02 -5.04
CA GLU D 102 -5.79 -5.44 -5.52
C GLU D 102 -5.20 -6.56 -4.69
N GLU D 103 -5.40 -6.51 -3.37
CA GLU D 103 -4.65 -7.37 -2.44
C GLU D 103 -5.37 -8.72 -2.28
N ILE D 104 -5.44 -9.44 -3.40
CA ILE D 104 -5.83 -10.84 -3.46
C ILE D 104 -4.75 -11.61 -4.19
N GLU D 105 -4.73 -12.92 -3.98
CA GLU D 105 -3.78 -13.80 -4.66
C GLU D 105 -4.54 -14.72 -5.60
N THR D 106 -4.06 -14.83 -6.84
CA THR D 106 -4.72 -15.65 -7.84
C THR D 106 -3.69 -16.44 -8.62
N ALA D 107 -4.17 -17.45 -9.34
CA ALA D 107 -3.34 -18.31 -10.15
C ALA D 107 -4.21 -18.98 -11.21
N LEU D 108 -3.56 -19.57 -12.22
CA LEU D 108 -4.29 -20.19 -13.32
C LEU D 108 -4.88 -21.54 -12.92
N ASP D 109 -4.11 -22.37 -12.25
CA ASP D 109 -4.52 -23.72 -11.85
C ASP D 109 -4.79 -23.77 -10.36
N LEU D 110 -5.49 -24.83 -9.95
CA LEU D 110 -5.51 -25.22 -8.56
C LEU D 110 -4.08 -25.45 -8.05
N GLU D 111 -3.27 -26.15 -8.85
CA GLU D 111 -1.90 -26.46 -8.45
C GLU D 111 -1.08 -25.19 -8.29
N GLN D 112 -1.22 -24.25 -9.23
CA GLN D 112 -0.50 -23.00 -9.13
C GLN D 112 -0.91 -22.22 -7.87
N GLY D 113 -2.19 -22.31 -7.51
CA GLY D 113 -2.62 -21.72 -6.26
C GLY D 113 -2.01 -22.39 -5.05
N LEU D 114 -1.95 -23.73 -5.08
CA LEU D 114 -1.30 -24.47 -4.00
C LEU D 114 0.18 -24.12 -3.91
N GLU D 115 0.86 -24.02 -5.04
CA GLU D 115 2.28 -23.70 -5.04
C GLU D 115 2.54 -22.33 -4.41
N THR D 116 1.83 -21.32 -4.88
CA THR D 116 2.02 -19.98 -4.32
C THR D 116 1.58 -19.91 -2.86
N LEU D 117 0.58 -20.71 -2.47
CA LEU D 117 0.12 -20.66 -1.09
C LEU D 117 1.17 -21.27 -0.16
N LYS D 118 1.63 -22.49 -0.45
CA LYS D 118 2.70 -23.08 0.34
C LYS D 118 3.89 -22.15 0.42
N ARG D 119 4.23 -21.51 -0.70
CA ARG D 119 5.36 -20.59 -0.73
C ARG D 119 5.11 -19.38 0.16
N GLU D 120 3.87 -18.89 0.19
CA GLU D 120 3.57 -17.74 1.05
C GLU D 120 3.70 -18.08 2.52
N LEU D 121 3.45 -19.33 2.89
CA LEU D 121 3.59 -19.75 4.28
C LEU D 121 5.03 -20.15 4.59
N LYS E 7 -9.57 -8.41 -35.41
CA LYS E 7 -9.08 -8.91 -34.13
C LYS E 7 -7.57 -8.75 -34.04
N ILE E 8 -7.12 -7.97 -33.07
CA ILE E 8 -5.69 -7.69 -32.90
C ILE E 8 -4.94 -8.99 -32.63
N PRO E 9 -3.87 -9.30 -33.37
CA PRO E 9 -3.15 -10.55 -33.13
C PRO E 9 -2.39 -10.52 -31.82
N ILE E 10 -2.15 -11.70 -31.27
CA ILE E 10 -1.45 -11.87 -30.00
C ILE E 10 -0.45 -12.99 -30.14
N LEU E 11 0.82 -12.66 -29.93
CA LEU E 11 1.90 -13.64 -30.01
C LEU E 11 2.12 -14.27 -28.64
N LYS E 12 2.18 -15.61 -28.62
CA LYS E 12 2.42 -16.38 -27.41
C LYS E 12 3.71 -17.17 -27.61
N LEU E 13 4.75 -16.82 -26.85
CA LEU E 13 5.96 -17.61 -26.79
C LEU E 13 6.21 -17.99 -25.34
N TYR E 14 6.32 -19.30 -25.10
CA TYR E 14 6.61 -19.87 -23.79
C TYR E 14 5.48 -19.50 -22.84
N ASN E 15 5.73 -18.78 -21.75
CA ASN E 15 4.75 -18.51 -20.73
C ASN E 15 4.14 -17.11 -20.83
N CYS E 16 4.42 -16.39 -21.91
CA CYS E 16 4.00 -14.99 -22.01
C CYS E 16 3.25 -14.75 -23.31
N LEU E 17 2.30 -13.82 -23.23
CA LEU E 17 1.59 -13.29 -24.38
C LEU E 17 2.19 -11.95 -24.75
N LEU E 18 2.50 -11.77 -26.04
CA LEU E 18 3.05 -10.52 -26.53
C LEU E 18 2.05 -9.85 -27.46
N VAL E 19 1.77 -8.57 -27.19
CA VAL E 19 0.82 -7.80 -27.99
C VAL E 19 1.49 -6.51 -28.41
N SER E 20 1.55 -6.28 -29.72
CA SER E 20 1.95 -4.99 -30.28
C SER E 20 0.73 -4.39 -30.97
N ILE E 21 0.38 -3.17 -30.58
CA ILE E 21 -0.80 -2.49 -31.07
C ILE E 21 -0.36 -1.38 -32.02
N GLN E 22 -0.66 -1.55 -33.30
CA GLN E 22 -0.31 -0.58 -34.32
C GLN E 22 -1.35 -0.66 -35.45
N TRP E 23 -2.62 -0.45 -35.13
CA TRP E 23 -3.66 -0.66 -36.13
C TRP E 23 -4.37 0.61 -36.60
N GLU E 24 -4.80 1.53 -35.74
CA GLU E 24 -4.73 1.47 -34.28
C GLU E 24 -6.12 1.38 -33.67
N LEU E 25 -6.19 1.62 -32.36
CA LEU E 25 -7.43 1.45 -31.61
C LEU E 25 -8.45 2.52 -31.96
N ASP E 26 -9.68 2.08 -32.17
CA ASP E 26 -10.85 2.89 -31.87
C ASP E 26 -11.54 2.26 -30.67
N ASP E 27 -12.59 2.94 -30.18
CA ASP E 27 -13.36 2.41 -29.06
C ASP E 27 -13.81 0.96 -29.30
N GLN E 28 -14.33 0.69 -30.49
CA GLN E 28 -14.83 -0.65 -30.77
C GLN E 28 -13.70 -1.67 -30.80
N THR E 29 -12.60 -1.36 -31.49
CA THR E 29 -11.48 -2.30 -31.58
C THR E 29 -10.91 -2.63 -30.21
N ALA E 30 -10.77 -1.63 -29.34
CA ALA E 30 -10.21 -1.89 -28.01
C ALA E 30 -11.09 -2.83 -27.20
N LEU E 31 -12.41 -2.68 -27.32
CA LEU E 31 -13.31 -3.52 -26.52
C LEU E 31 -13.20 -4.98 -26.92
N THR E 32 -13.03 -5.25 -28.22
CA THR E 32 -12.85 -6.63 -28.66
C THR E 32 -11.49 -7.18 -28.23
N PHE E 33 -10.47 -6.32 -28.20
CA PHE E 33 -9.15 -6.72 -27.73
C PHE E 33 -9.20 -7.18 -26.27
N GLN E 34 -9.84 -6.38 -25.42
CA GLN E 34 -10.10 -6.76 -24.04
C GLN E 34 -10.70 -8.16 -23.95
N GLU E 35 -11.70 -8.43 -24.79
CA GLU E 35 -12.32 -9.75 -24.80
C GLU E 35 -11.37 -10.82 -25.31
N ASP E 36 -10.55 -10.48 -26.30
CA ASP E 36 -9.67 -11.47 -26.92
C ASP E 36 -8.49 -11.82 -26.02
N LEU E 37 -7.89 -10.82 -25.36
CA LEU E 37 -6.75 -11.08 -24.48
C LEU E 37 -7.16 -11.99 -23.34
N LEU E 38 -8.24 -11.63 -22.63
CA LEU E 38 -8.70 -12.46 -21.53
C LEU E 38 -9.03 -13.88 -21.99
N ASN E 39 -9.70 -14.00 -23.14
CA ASN E 39 -9.94 -15.33 -23.71
C ASN E 39 -8.62 -16.04 -24.00
N LYS E 40 -7.66 -15.32 -24.59
CA LYS E 40 -6.35 -15.89 -24.89
C LYS E 40 -5.64 -16.37 -23.63
N ILE E 41 -5.65 -15.55 -22.57
CA ILE E 41 -5.04 -15.95 -21.30
C ILE E 41 -5.66 -17.25 -20.81
N TYR E 42 -6.98 -17.38 -20.94
CA TYR E 42 -7.66 -18.56 -20.42
C TYR E 42 -7.35 -19.79 -21.26
N GLU E 43 -7.35 -19.66 -22.59
CA GLU E 43 -7.04 -20.80 -23.43
C GLU E 43 -5.58 -21.22 -23.29
N THR E 44 -4.66 -20.26 -23.25
CA THR E 44 -3.25 -20.59 -23.24
C THR E 44 -2.77 -20.99 -21.86
N GLY E 45 -3.25 -20.33 -20.80
CA GLY E 45 -2.74 -20.56 -19.48
C GLY E 45 -1.51 -19.74 -19.13
N ALA E 46 -1.27 -18.65 -19.85
CA ALA E 46 -0.07 -17.84 -19.69
C ALA E 46 -0.12 -17.03 -18.40
N ASN E 47 1.06 -16.83 -17.81
CA ASN E 47 1.19 -16.09 -16.56
C ASN E 47 1.51 -14.61 -16.75
N GLY E 48 1.91 -14.20 -17.95
CA GLY E 48 2.31 -12.83 -18.18
C GLY E 48 1.92 -12.35 -19.57
N VAL E 49 1.61 -11.06 -19.66
CA VAL E 49 1.21 -10.42 -20.90
C VAL E 49 1.95 -9.10 -21.01
N VAL E 50 2.52 -8.84 -22.19
CA VAL E 50 3.19 -7.58 -22.49
C VAL E 50 2.41 -6.90 -23.61
N ILE E 51 1.89 -5.71 -23.33
CA ILE E 51 1.12 -4.94 -24.29
C ILE E 51 1.94 -3.70 -24.67
N ASP E 52 2.24 -3.57 -25.96
CA ASP E 52 3.05 -2.45 -26.44
C ASP E 52 2.14 -1.43 -27.10
N LEU E 53 2.34 -0.15 -26.73
CA LEU E 53 1.58 0.97 -27.26
C LEU E 53 2.50 2.00 -27.91
N THR E 54 3.64 1.55 -28.44
CA THR E 54 4.62 2.47 -29.03
C THR E 54 4.03 3.22 -30.22
N SER E 55 3.27 2.52 -31.06
CA SER E 55 2.70 3.11 -32.27
C SER E 55 1.40 3.87 -32.02
N VAL E 56 0.90 3.86 -30.80
CA VAL E 56 -0.39 4.48 -30.48
C VAL E 56 -0.14 5.95 -30.19
N ASP E 57 -0.55 6.82 -31.12
CA ASP E 57 -0.28 8.25 -30.99
C ASP E 57 -1.13 8.89 -29.89
N MET E 58 -2.41 8.49 -29.80
CA MET E 58 -3.31 9.06 -28.80
C MET E 58 -4.49 8.12 -28.63
N ILE E 59 -5.14 8.22 -27.47
CA ILE E 59 -6.34 7.46 -27.17
C ILE E 59 -7.35 8.39 -26.50
N ASP E 60 -8.60 7.96 -26.48
CA ASP E 60 -9.62 8.70 -25.77
C ASP E 60 -9.71 8.25 -24.33
N PHE E 62 -12.21 6.73 -23.07
CA PHE E 62 -12.88 5.43 -23.04
C PHE E 62 -11.90 4.28 -23.14
N ILE E 63 -10.92 4.41 -24.03
CA ILE E 63 -9.90 3.37 -24.15
C ILE E 63 -9.09 3.26 -22.87
N ALA E 64 -8.88 4.38 -22.18
CA ALA E 64 -8.11 4.36 -20.94
C ALA E 64 -8.78 3.49 -19.89
N LYS E 65 -10.11 3.59 -19.76
CA LYS E 65 -10.80 2.72 -18.82
C LYS E 65 -10.71 1.26 -19.26
N VAL E 66 -10.81 1.02 -20.57
CA VAL E 66 -10.62 -0.33 -21.09
C VAL E 66 -9.24 -0.86 -20.70
N LEU E 67 -8.19 -0.10 -21.05
CA LEU E 67 -6.83 -0.52 -20.73
C LEU E 67 -6.67 -0.81 -19.24
N GLY E 68 -7.11 0.10 -18.38
CA GLY E 68 -7.08 -0.15 -16.96
C GLY E 68 -7.84 -1.40 -16.57
N ASP E 69 -9.01 -1.61 -17.18
CA ASP E 69 -9.82 -2.79 -16.87
C ASP E 69 -9.10 -4.07 -17.27
N VAL E 70 -8.51 -4.11 -18.47
CA VAL E 70 -7.79 -5.30 -18.91
C VAL E 70 -6.72 -5.70 -17.90
N ILE E 71 -5.86 -4.75 -17.53
CA ILE E 71 -4.83 -5.01 -16.53
C ILE E 71 -5.45 -5.59 -15.27
N THR E 72 -6.48 -4.94 -14.75
CA THR E 72 -6.98 -5.34 -13.45
C THR E 72 -7.74 -6.66 -13.54
N MET E 73 -8.49 -6.86 -14.62
CA MET E 73 -9.20 -8.12 -14.81
C MET E 73 -8.24 -9.27 -15.08
N SER E 74 -7.20 -9.03 -15.88
CA SER E 74 -6.28 -10.11 -16.22
C SER E 74 -5.51 -10.61 -15.00
N LYS E 75 -5.25 -9.72 -14.04
CA LYS E 75 -4.58 -10.14 -12.82
C LYS E 75 -5.45 -11.08 -12.01
N LEU E 76 -6.76 -10.82 -11.97
CA LEU E 76 -7.68 -11.73 -11.32
C LEU E 76 -7.60 -13.13 -11.92
N MET E 77 -7.44 -13.21 -13.24
CA MET E 77 -7.30 -14.49 -13.90
C MET E 77 -5.96 -15.16 -13.63
N GLY E 78 -5.03 -14.48 -12.98
CA GLY E 78 -3.76 -15.07 -12.61
C GLY E 78 -2.58 -14.68 -13.46
N ALA E 79 -2.70 -13.66 -14.30
CA ALA E 79 -1.61 -13.22 -15.16
C ALA E 79 -1.18 -11.81 -14.79
N LYS E 80 0.11 -11.55 -14.89
CA LYS E 80 0.68 -10.23 -14.63
C LYS E 80 0.90 -9.52 -15.96
N VAL E 81 0.51 -8.25 -16.03
CA VAL E 81 0.47 -7.51 -17.29
C VAL E 81 1.40 -6.30 -17.19
N VAL E 82 2.15 -6.06 -18.26
CA VAL E 82 3.08 -4.94 -18.34
C VAL E 82 2.77 -4.11 -19.59
N LEU E 83 2.59 -2.81 -19.42
CA LEU E 83 2.45 -1.89 -20.53
C LEU E 83 3.81 -1.33 -20.91
N THR E 84 4.02 -1.08 -22.20
CA THR E 84 5.29 -0.57 -22.69
C THR E 84 5.08 0.47 -23.77
N GLY E 85 6.07 1.33 -23.93
CA GLY E 85 6.11 2.26 -25.04
C GLY E 85 5.12 3.39 -25.01
N ILE E 86 4.46 3.64 -23.88
CA ILE E 86 3.48 4.72 -23.77
C ILE E 86 4.11 6.06 -24.14
N GLN E 87 3.54 6.72 -25.14
CA GLN E 87 3.99 8.04 -25.56
C GLN E 87 3.49 9.11 -24.59
N PRO E 88 4.09 10.30 -24.60
CA PRO E 88 3.58 11.37 -23.72
C PRO E 88 2.10 11.68 -23.88
N ALA E 89 1.63 11.79 -25.13
CA ALA E 89 0.22 12.12 -25.35
C ALA E 89 -0.70 11.09 -24.72
N VAL E 90 -0.47 9.81 -25.03
CA VAL E 90 -1.28 8.75 -24.45
C VAL E 90 -1.03 8.61 -22.95
N ALA E 91 0.15 9.01 -22.47
CA ALA E 91 0.38 9.04 -21.03
C ALA E 91 -0.49 10.08 -20.33
N VAL E 92 -0.73 11.21 -21.00
CA VAL E 92 -1.55 12.27 -20.41
C VAL E 92 -2.96 11.76 -20.13
N THR E 93 -3.60 11.14 -21.12
CA THR E 93 -4.99 10.74 -20.97
C THR E 93 -5.15 9.69 -19.88
N LEU E 94 -4.12 8.89 -19.63
CA LEU E 94 -4.25 7.85 -18.61
C LEU E 94 -4.32 8.45 -17.21
N ILE E 95 -3.41 9.36 -16.87
CA ILE E 95 -3.50 9.99 -15.56
C ILE E 95 -4.64 11.01 -15.55
N GLU E 96 -4.93 11.61 -16.70
CA GLU E 96 -6.02 12.59 -16.78
C GLU E 96 -7.35 11.97 -16.38
N LEU E 97 -7.53 10.68 -16.62
CA LEU E 97 -8.71 9.98 -16.17
C LEU E 97 -8.55 9.39 -14.76
N GLY E 98 -7.43 9.68 -14.09
CA GLY E 98 -7.17 9.06 -12.80
C GLY E 98 -6.92 7.57 -12.85
N ILE E 99 -6.74 6.99 -14.04
CA ILE E 99 -6.55 5.55 -14.18
C ILE E 99 -5.10 5.14 -13.98
N ALA E 100 -4.17 6.10 -13.98
CA ALA E 100 -2.80 5.83 -13.56
C ALA E 100 -2.80 5.10 -12.22
N LEU E 101 -2.06 4.00 -12.15
CA LEU E 101 -2.12 3.15 -10.98
C LEU E 101 -0.73 2.71 -10.55
N GLU E 102 -0.48 2.77 -9.24
CA GLU E 102 0.70 2.17 -8.64
C GLU E 102 0.85 0.71 -9.06
N GLU E 103 -0.27 -0.01 -9.17
CA GLU E 103 -0.24 -1.42 -9.50
C GLU E 103 0.31 -1.70 -10.90
N ILE E 104 0.22 -0.73 -11.81
CA ILE E 104 0.65 -0.97 -13.18
C ILE E 104 2.16 -1.07 -13.24
N GLU E 105 2.65 -2.10 -13.90
CA GLU E 105 4.07 -2.25 -14.21
C GLU E 105 4.30 -1.78 -15.64
N THR E 106 5.30 -0.92 -15.82
CA THR E 106 5.58 -0.34 -17.13
C THR E 106 7.06 -0.47 -17.46
N ALA E 107 7.35 -0.41 -18.76
CA ALA E 107 8.71 -0.43 -19.26
C ALA E 107 8.78 0.45 -20.50
N LEU E 108 10.01 0.80 -20.90
CA LEU E 108 10.19 1.71 -22.03
C LEU E 108 9.90 1.01 -23.36
N ASP E 109 10.33 -0.23 -23.50
CA ASP E 109 10.14 -0.97 -24.74
C ASP E 109 9.67 -2.40 -24.42
N LEU E 110 9.43 -3.17 -25.49
CA LEU E 110 8.88 -4.51 -25.33
C LEU E 110 9.83 -5.44 -24.61
N GLU E 111 11.13 -5.39 -24.94
CA GLU E 111 12.09 -6.29 -24.31
C GLU E 111 12.14 -6.09 -22.81
N GLN E 112 12.29 -4.83 -22.37
CA GLN E 112 12.31 -4.54 -20.94
C GLN E 112 11.04 -5.02 -20.27
N GLY E 113 9.89 -4.82 -20.91
CA GLY E 113 8.66 -5.38 -20.38
C GLY E 113 8.73 -6.88 -20.24
N LEU E 114 9.23 -7.56 -21.28
CA LEU E 114 9.43 -9.00 -21.20
C LEU E 114 10.50 -9.32 -20.16
N GLU E 115 11.59 -8.55 -20.15
CA GLU E 115 12.60 -8.68 -19.10
C GLU E 115 11.97 -8.53 -17.73
N THR E 116 11.26 -7.42 -17.50
CA THR E 116 10.56 -7.21 -16.25
C THR E 116 9.63 -8.37 -15.93
N LEU E 117 8.95 -8.89 -16.96
CA LEU E 117 7.97 -9.95 -16.73
C LEU E 117 8.64 -11.25 -16.30
N LYS E 118 9.62 -11.71 -17.08
CA LYS E 118 10.31 -12.95 -16.72
C LYS E 118 11.02 -12.83 -15.38
N ARG E 119 11.59 -11.65 -15.12
CA ARG E 119 12.30 -11.43 -13.87
C ARG E 119 11.38 -11.62 -12.66
N GLU E 120 10.17 -11.06 -12.73
CA GLU E 120 9.26 -11.15 -11.60
C GLU E 120 8.71 -12.56 -11.43
N LEU E 121 8.62 -13.34 -12.52
CA LEU E 121 8.22 -14.73 -12.44
C LEU E 121 9.42 -15.66 -12.53
#